data_3FUD
#
_entry.id   3FUD
#
_cell.length_a   77.942
_cell.length_b   87.140
_cell.length_c   99.106
_cell.angle_alpha   90.00
_cell.angle_beta   90.00
_cell.angle_gamma   90.00
#
_symmetry.space_group_name_H-M   'P 21 21 21'
#
loop_
_entity.id
_entity.type
_entity.pdbx_description
1 polymer 'Leukotriene A-4 hydrolase'
2 non-polymer 'ZINC ION'
3 non-polymer 'YTTERBIUM (III) ION'
4 non-polymer N-methyl-1-(2-thiophen-2-ylphenyl)methanamine
5 non-polymer 'ACETATE ION'
6 non-polymer IMIDAZOLE
7 water water
#
_entity_poly.entity_id   1
_entity_poly.type   'polypeptide(L)'
_entity_poly.pdbx_seq_one_letter_code
;MPEIVDTCSLASPASVCRTKHLHLRCSVDFTRRTLTGTAALTVQSQEDNLRSLVLDTKDLTIEKVVINGQEVKYALGERQ
SYKGSPMEISLPIALSKNQEIVIEISFETSPKSSALQWLTPEQTSGKEHPYLFSQCQAIHCRAILPCQDTPSVKLTYTAE
VSVPKELVALMSAIRDGETPDPEDPSRKIYKFIQKVPIPCYLIALVVGALESRQIGPRTLVWSEKEQVEKSAYEFSETES
MLKIAEDLGGPYVWGQYDLLVLPPSFPYGGMENPCLTFVTPTLLAGDKSLSNVIAHEISHSWTGNLVTNKTWDHFWLNEG
HTVYLERHICGRLFGEKFRHFNALGGWGELQNSVKTFGETHPFTKLVVDLTDIDPDVAYSSVPYEKGFALLFYLEQLLGG
PEIFLGFLKAYVEKFSYKSITTDDWKDFLYSYFKDKVDVLNQVDWNAWLYSPGLPPIKPNYDMTLTNACIALSQRWITAK
EDDLNSFNATDLKDLSSHQLNEFLAQTLQRAPLPLGHIKRMQEVYNFNAINNSEIRFRWLRLCIQSKWEDAIPLALKMAT
EQGRMKFTRPLFKDLAAFDKSHDQAVRTYQEHKASMHPVTAMLVGKDLKVD
;
_entity_poly.pdbx_strand_id   A
#
# COMPACT_ATOMS: atom_id res chain seq x y z
N VAL A 5 16.31 16.86 -1.32
CA VAL A 5 16.76 15.83 -0.34
C VAL A 5 15.66 15.12 0.46
N ASP A 6 15.97 13.90 0.88
CA ASP A 6 14.99 13.03 1.48
C ASP A 6 15.09 13.05 2.99
N THR A 7 14.17 13.78 3.62
CA THR A 7 14.18 13.95 5.06
C THR A 7 13.76 12.67 5.83
N CYS A 8 13.35 11.62 5.13
CA CYS A 8 13.07 10.34 5.77
C CYS A 8 14.26 9.37 5.81
N SER A 9 15.38 9.78 5.24
CA SER A 9 16.50 8.90 5.06
C SER A 9 17.72 9.49 5.73
N LEU A 10 18.53 8.63 6.34
CA LEU A 10 19.78 9.07 6.94
C LEU A 10 20.99 8.71 6.06
N ALA A 11 20.73 8.10 4.91
CA ALA A 11 21.81 7.65 4.03
C ALA A 11 22.41 8.81 3.21
N SER A 12 23.60 8.61 2.64
CA SER A 12 24.17 9.59 1.71
C SER A 12 23.16 9.74 0.59
N PRO A 13 22.88 10.97 0.17
CA PRO A 13 21.96 11.20 -0.96
C PRO A 13 22.51 10.75 -2.31
N ALA A 14 21.62 10.65 -3.29
CA ALA A 14 21.96 10.20 -4.63
C ALA A 14 22.96 11.12 -5.32
N SER A 15 23.10 12.34 -4.82
CA SER A 15 24.05 13.28 -5.41
C SER A 15 25.48 12.93 -4.95
N VAL A 16 25.60 12.06 -3.94
CA VAL A 16 26.89 11.65 -3.38
C VAL A 16 27.33 10.29 -3.93
N CYS A 17 26.46 9.29 -3.79
CA CYS A 17 26.71 7.96 -4.32
C CYS A 17 25.38 7.28 -4.60
N ARG A 18 25.40 6.31 -5.51
CA ARG A 18 24.18 5.63 -5.89
C ARG A 18 24.40 4.13 -5.83
N THR A 19 23.47 3.45 -5.20
CA THR A 19 23.42 2.00 -5.28
C THR A 19 22.87 1.62 -6.66
N LYS A 20 23.65 0.84 -7.39
CA LYS A 20 23.26 0.28 -8.68
C LYS A 20 22.64 -1.10 -8.56
N HIS A 21 23.08 -1.88 -7.59
CA HIS A 21 22.71 -3.30 -7.50
C HIS A 21 22.85 -3.80 -6.06
N LEU A 22 22.01 -4.77 -5.74
CA LEU A 22 22.07 -5.50 -4.49
C LEU A 22 22.14 -6.97 -4.83
N HIS A 23 23.14 -7.64 -4.28
CA HIS A 23 23.01 -9.07 -4.17
C HIS A 23 22.76 -9.43 -2.71
N LEU A 24 21.59 -10.00 -2.46
CA LEU A 24 21.19 -10.41 -1.14
C LEU A 24 21.31 -11.92 -1.02
N ARG A 25 22.08 -12.36 -0.04
CA ARG A 25 22.25 -13.77 0.24
C ARG A 25 21.89 -13.92 1.71
N CYS A 26 20.74 -14.53 1.98
CA CYS A 26 20.26 -14.70 3.37
C CYS A 26 19.54 -16.03 3.68
N SER A 27 19.47 -16.32 4.98
CA SER A 27 18.76 -17.49 5.47
C SER A 27 17.64 -17.00 6.37
N VAL A 28 16.48 -17.62 6.23
CA VAL A 28 15.31 -17.29 7.03
C VAL A 28 15.29 -18.24 8.24
N ASP A 29 15.51 -17.69 9.44
CA ASP A 29 15.52 -18.52 10.63
C ASP A 29 14.22 -18.38 11.42
N PHE A 30 13.31 -19.34 11.23
CA PHE A 30 12.04 -19.30 11.93
C PHE A 30 12.14 -19.53 13.46
N THR A 31 13.12 -20.33 13.90
CA THR A 31 13.25 -20.55 15.34
C THR A 31 13.74 -19.29 16.04
N ARG A 32 14.53 -18.46 15.35
CA ARG A 32 15.00 -17.21 15.97
C ARG A 32 14.28 -15.93 15.46
N ARG A 33 13.46 -16.06 14.42
CA ARG A 33 12.78 -14.91 13.78
C ARG A 33 13.79 -13.83 13.32
N THR A 34 14.84 -14.32 12.68
CA THR A 34 15.88 -13.46 12.12
C THR A 34 16.14 -13.81 10.66
N LEU A 35 16.57 -12.79 9.92
CA LEU A 35 17.11 -12.99 8.61
C LEU A 35 18.61 -12.71 8.82
N THR A 36 19.45 -13.67 8.38
CA THR A 36 20.90 -13.57 8.53
C THR A 36 21.58 -13.72 7.17
N GLY A 37 22.56 -12.87 6.90
CA GLY A 37 23.34 -12.99 5.68
C GLY A 37 24.09 -11.76 5.26
N THR A 38 24.24 -11.60 3.94
CA THR A 38 25.03 -10.53 3.39
C THR A 38 24.21 -9.77 2.36
N ALA A 39 24.36 -8.46 2.42
CA ALA A 39 23.88 -7.52 1.42
C ALA A 39 25.13 -6.97 0.72
N ALA A 40 25.36 -7.40 -0.52
CA ALA A 40 26.46 -6.86 -1.32
C ALA A 40 25.93 -5.73 -2.20
N LEU A 41 26.22 -4.49 -1.81
CA LEU A 41 25.79 -3.30 -2.56
C LEU A 41 26.85 -2.83 -3.54
N THR A 42 26.48 -2.78 -4.82
CA THR A 42 27.34 -2.20 -5.86
C THR A 42 27.07 -0.71 -5.86
N VAL A 43 28.04 0.10 -5.41
CA VAL A 43 27.82 1.53 -5.21
C VAL A 43 28.67 2.31 -6.21
N GLN A 44 28.04 3.28 -6.87
CA GLN A 44 28.73 4.22 -7.73
C GLN A 44 28.91 5.61 -7.08
N SER A 45 30.14 6.04 -6.95
CA SER A 45 30.39 7.40 -6.48
C SER A 45 29.89 8.43 -7.49
N GLN A 46 29.29 9.50 -6.98
CA GLN A 46 28.86 10.63 -7.80
C GLN A 46 29.80 11.81 -7.58
N GLU A 47 30.81 11.60 -6.72
CA GLU A 47 31.72 12.64 -6.25
C GLU A 47 33.18 12.25 -6.42
N ASP A 48 34.01 13.26 -6.63
CA ASP A 48 35.43 13.09 -6.53
C ASP A 48 35.92 12.84 -5.12
N ASN A 49 36.94 12.00 -4.99
CA ASN A 49 37.60 11.81 -3.69
C ASN A 49 36.64 11.40 -2.55
N LEU A 50 35.76 10.46 -2.86
CA LEU A 50 34.79 9.97 -1.87
C LEU A 50 35.47 8.98 -0.94
N ARG A 51 35.34 9.21 0.36
CA ARG A 51 36.05 8.37 1.34
C ARG A 51 35.19 7.67 2.37
N SER A 52 33.95 8.13 2.51
CA SER A 52 33.01 7.50 3.41
C SER A 52 31.63 7.64 2.82
N LEU A 53 30.72 6.84 3.35
CA LEU A 53 29.32 7.00 3.00
C LEU A 53 28.42 6.46 4.11
N VAL A 54 27.16 6.87 4.09
CA VAL A 54 26.20 6.50 5.12
C VAL A 54 25.00 5.75 4.53
N LEU A 55 24.64 4.65 5.20
CA LEU A 55 23.48 3.84 4.85
C LEU A 55 22.44 3.93 5.96
N ASP A 56 21.16 3.77 5.60
CA ASP A 56 20.14 3.58 6.61
C ASP A 56 20.22 2.17 7.19
N THR A 57 19.92 2.06 8.49
CA THR A 57 19.64 0.77 9.10
C THR A 57 18.54 0.94 10.12
N LYS A 58 17.88 -0.15 10.49
CA LYS A 58 16.98 -0.10 11.63
C LYS A 58 16.89 -1.45 12.30
N ASP A 59 17.33 -1.50 13.56
CA ASP A 59 17.31 -2.71 14.39
C ASP A 59 18.10 -3.81 13.70
N LEU A 60 19.25 -3.45 13.13
CA LEU A 60 20.10 -4.45 12.51
C LEU A 60 21.30 -4.68 13.38
N THR A 61 21.82 -5.89 13.34
CA THR A 61 23.09 -6.15 13.97
C THR A 61 24.09 -6.34 12.84
N ILE A 62 25.13 -5.50 12.80
CA ILE A 62 26.17 -5.61 11.77
C ILE A 62 27.29 -6.47 12.33
N GLU A 63 27.64 -7.53 11.62
CA GLU A 63 28.77 -8.36 12.00
C GLU A 63 30.05 -7.73 11.47
N LYS A 64 30.11 -7.50 10.16
CA LYS A 64 31.28 -6.89 9.51
C LYS A 64 30.92 -6.28 8.14
N VAL A 65 31.79 -5.37 7.69
CA VAL A 65 31.73 -4.75 6.38
C VAL A 65 33.01 -5.04 5.59
N VAL A 66 32.86 -5.68 4.44
CA VAL A 66 34.00 -6.14 3.66
C VAL A 66 34.06 -5.51 2.28
N ILE A 67 35.20 -4.88 1.97
CA ILE A 67 35.49 -4.33 0.64
C ILE A 67 36.87 -4.83 0.17
N ASN A 68 36.93 -5.33 -1.07
CA ASN A 68 38.15 -5.90 -1.64
C ASN A 68 38.72 -6.97 -0.72
N GLY A 69 37.84 -7.85 -0.22
CA GLY A 69 38.25 -9.02 0.55
C GLY A 69 38.83 -8.72 1.92
N GLN A 70 38.69 -7.50 2.41
CA GLN A 70 39.18 -7.10 3.73
C GLN A 70 38.08 -6.38 4.50
N GLU A 71 38.03 -6.61 5.80
CA GLU A 71 37.14 -5.86 6.69
C GLU A 71 37.51 -4.37 6.74
N VAL A 72 36.52 -3.50 6.74
CA VAL A 72 36.76 -2.06 6.83
C VAL A 72 36.03 -1.51 8.05
N LYS A 73 36.43 -0.33 8.50
CA LYS A 73 35.77 0.35 9.60
C LYS A 73 34.40 0.94 9.23
N TYR A 74 33.48 0.84 10.20
CA TYR A 74 32.14 1.37 10.09
C TYR A 74 31.71 1.78 11.47
N ALA A 75 30.70 2.63 11.56
CA ALA A 75 30.13 2.99 12.85
C ALA A 75 28.63 3.19 12.69
N LEU A 76 27.88 2.77 13.72
CA LEU A 76 26.46 3.03 13.81
C LEU A 76 26.19 4.26 14.70
N GLY A 77 25.52 5.26 14.16
CA GLY A 77 25.12 6.42 14.95
C GLY A 77 23.97 6.06 15.89
N GLU A 78 23.67 6.96 16.80
CA GLU A 78 22.55 6.80 17.73
C GLU A 78 21.26 6.63 16.94
N ARG A 79 20.28 5.97 17.53
CA ARG A 79 19.02 5.76 16.85
C ARG A 79 18.24 7.07 16.78
N GLN A 80 17.54 7.29 15.66
CA GLN A 80 16.74 8.49 15.50
C GLN A 80 15.32 8.03 15.30
N SER A 81 14.72 7.51 16.37
CA SER A 81 13.32 7.09 16.38
C SER A 81 13.04 6.12 15.23
N TYR A 82 11.92 6.34 14.55
CA TYR A 82 11.45 5.51 13.43
C TYR A 82 12.37 5.55 12.21
N LYS A 83 13.33 6.47 12.17
CA LYS A 83 14.30 6.49 11.09
C LYS A 83 15.42 5.45 11.23
N GLY A 84 15.59 4.95 12.45
CA GLY A 84 16.64 3.98 12.73
C GLY A 84 17.99 4.64 12.96
N SER A 85 19.06 3.90 12.69
CA SER A 85 20.41 4.35 12.98
C SER A 85 21.27 4.33 11.71
N PRO A 86 21.91 5.47 11.40
CA PRO A 86 22.82 5.64 10.26
C PRO A 86 24.11 4.86 10.42
N MET A 87 24.55 4.23 9.34
CA MET A 87 25.75 3.44 9.37
C MET A 87 26.77 4.05 8.41
N GLU A 88 27.82 4.62 8.98
CA GLU A 88 28.87 5.24 8.20
C GLU A 88 29.96 4.23 7.90
N ILE A 89 30.28 4.05 6.62
CA ILE A 89 31.33 3.14 6.21
C ILE A 89 32.56 3.90 5.71
N SER A 90 33.72 3.55 6.24
CA SER A 90 34.99 4.12 5.82
C SER A 90 35.47 3.35 4.61
N LEU A 91 35.56 4.01 3.47
CA LEU A 91 36.08 3.34 2.29
C LEU A 91 37.61 3.18 2.39
N PRO A 92 38.15 2.00 2.05
CA PRO A 92 39.60 1.83 2.20
C PRO A 92 40.41 2.61 1.16
N ILE A 93 39.77 3.09 0.09
CA ILE A 93 40.47 3.80 -0.97
C ILE A 93 39.51 4.85 -1.50
N ALA A 94 39.95 6.11 -1.49
CA ALA A 94 39.17 7.20 -2.08
C ALA A 94 38.70 6.89 -3.51
N LEU A 95 37.42 7.11 -3.79
CA LEU A 95 36.86 6.84 -5.11
C LEU A 95 36.80 8.12 -5.92
N SER A 96 37.09 8.01 -7.21
CA SER A 96 36.82 9.11 -8.11
C SER A 96 35.37 9.04 -8.59
N LYS A 97 34.92 10.10 -9.22
CA LYS A 97 33.55 10.20 -9.70
C LYS A 97 33.22 9.11 -10.71
N ASN A 98 32.10 8.43 -10.47
CA ASN A 98 31.60 7.31 -11.29
C ASN A 98 32.30 5.98 -11.04
N GLN A 99 33.24 5.97 -10.11
CA GLN A 99 33.90 4.69 -9.81
C GLN A 99 32.90 3.82 -9.10
N GLU A 100 32.92 2.52 -9.40
CA GLU A 100 32.02 1.62 -8.68
C GLU A 100 32.75 0.59 -7.82
N ILE A 101 32.28 0.39 -6.61
CA ILE A 101 32.82 -0.66 -5.74
C ILE A 101 31.70 -1.52 -5.18
N VAL A 102 32.06 -2.75 -4.79
CA VAL A 102 31.15 -3.64 -4.08
C VAL A 102 31.42 -3.64 -2.58
N ILE A 103 30.38 -3.37 -1.80
CA ILE A 103 30.49 -3.33 -0.35
C ILE A 103 29.59 -4.44 0.21
N GLU A 104 30.21 -5.41 0.87
CA GLU A 104 29.52 -6.54 1.40
C GLU A 104 29.28 -6.44 2.92
N ILE A 105 28.01 -6.34 3.33
CA ILE A 105 27.68 -6.20 4.74
C ILE A 105 27.08 -7.46 5.33
N SER A 106 27.73 -7.96 6.38
CA SER A 106 27.20 -9.07 7.14
C SER A 106 26.31 -8.53 8.26
N PHE A 107 25.03 -8.93 8.22
CA PHE A 107 24.03 -8.36 9.11
C PHE A 107 23.07 -9.44 9.52
N GLU A 108 22.26 -9.09 10.52
CA GLU A 108 21.16 -9.92 10.97
C GLU A 108 20.04 -8.97 11.35
N THR A 109 18.80 -9.32 10.99
CA THR A 109 17.61 -8.57 11.43
C THR A 109 17.24 -8.89 12.88
N SER A 110 16.52 -7.96 13.51
CA SER A 110 15.88 -8.23 14.81
C SER A 110 14.50 -8.85 14.61
N PRO A 111 14.05 -9.75 15.52
CA PRO A 111 12.66 -10.26 15.55
C PRO A 111 11.62 -9.15 15.52
N LYS A 112 11.97 -7.98 16.05
CA LYS A 112 11.04 -6.87 16.05
C LYS A 112 11.07 -6.01 14.78
N SER A 113 11.85 -6.42 13.79
CA SER A 113 11.92 -5.70 12.48
C SER A 113 10.56 -5.14 12.04
N SER A 114 10.47 -3.82 11.90
CA SER A 114 9.21 -3.18 11.50
C SER A 114 8.79 -3.47 10.05
N ALA A 115 9.71 -4.04 9.27
CA ALA A 115 9.43 -4.49 7.90
C ALA A 115 8.77 -5.87 7.87
N LEU A 116 8.89 -6.62 8.95
CA LEU A 116 8.49 -8.05 8.92
C LEU A 116 7.35 -8.38 9.86
N GLN A 117 6.51 -9.34 9.44
CA GLN A 117 5.72 -10.06 10.39
C GLN A 117 6.00 -11.55 10.30
N TRP A 118 6.37 -12.13 11.45
CA TRP A 118 6.59 -13.57 11.61
C TRP A 118 5.33 -14.21 12.19
N LEU A 119 4.83 -15.25 11.54
CA LEU A 119 3.62 -15.91 12.01
C LEU A 119 3.91 -17.32 12.48
N THR A 120 3.23 -17.72 13.56
CA THR A 120 3.28 -19.11 14.02
C THR A 120 2.42 -19.97 13.10
N PRO A 121 2.58 -21.31 13.18
CA PRO A 121 1.67 -22.19 12.44
C PRO A 121 0.20 -21.88 12.68
N GLU A 122 -0.14 -21.47 13.89
CA GLU A 122 -1.55 -21.26 14.25
C GLU A 122 -2.17 -20.06 13.60
N GLN A 123 -1.33 -19.11 13.20
CA GLN A 123 -1.77 -17.85 12.60
C GLN A 123 -1.94 -18.02 11.10
N THR A 124 -1.60 -19.19 10.59
CA THR A 124 -1.76 -19.48 9.17
C THR A 124 -3.05 -20.34 8.92
N SER A 125 -3.38 -20.54 7.65
CA SER A 125 -4.48 -21.44 7.23
C SER A 125 -4.19 -22.92 7.47
N GLY A 126 -2.96 -23.35 7.16
CA GLY A 126 -2.59 -24.76 7.23
C GLY A 126 -2.42 -25.28 8.65
N LYS A 127 -1.97 -24.41 9.56
CA LYS A 127 -1.78 -24.77 10.98
C LYS A 127 -0.55 -25.65 11.20
N GLU A 128 0.20 -25.91 10.14
CA GLU A 128 1.37 -26.79 10.23
C GLU A 128 2.69 -26.05 10.10
N HIS A 129 2.68 -24.92 9.40
CA HIS A 129 3.93 -24.24 9.10
C HIS A 129 3.90 -22.77 9.44
N PRO A 130 5.08 -22.21 9.78
CA PRO A 130 5.12 -20.77 10.03
C PRO A 130 5.18 -20.02 8.68
N TYR A 131 5.21 -18.69 8.77
CA TYR A 131 5.04 -17.85 7.60
C TYR A 131 5.73 -16.51 7.87
N LEU A 132 6.47 -16.02 6.87
CA LEU A 132 7.08 -14.70 6.95
C LEU A 132 6.62 -13.89 5.75
N PHE A 133 6.32 -12.61 5.96
CA PHE A 133 6.13 -11.68 4.83
C PHE A 133 6.71 -10.31 5.15
N SER A 134 7.19 -9.61 4.12
CA SER A 134 7.76 -8.29 4.32
C SER A 134 6.79 -7.21 3.88
N GLN A 135 7.00 -6.00 4.38
CA GLN A 135 6.32 -4.81 3.83
C GLN A 135 7.20 -3.56 3.98
N CYS A 136 7.89 -3.21 2.89
CA CYS A 136 8.92 -2.19 3.00
C CYS A 136 8.45 -0.73 2.91
N GLN A 137 7.33 -0.49 2.24
CA GLN A 137 6.89 0.87 2.01
C GLN A 137 6.42 1.43 3.35
N ALA A 138 6.81 2.65 3.72
CA ALA A 138 7.69 3.52 2.94
C ALA A 138 9.15 3.29 3.27
N ILE A 139 9.47 3.31 4.57
CA ILE A 139 10.88 3.35 4.98
C ILE A 139 11.25 2.21 5.95
N HIS A 140 10.81 0.99 5.60
CA HIS A 140 11.12 -0.21 6.38
C HIS A 140 12.12 -1.15 5.72
N CYS A 141 12.53 -0.88 4.49
CA CYS A 141 13.63 -1.67 3.91
C CYS A 141 14.92 -1.65 4.77
N ARG A 142 15.19 -0.51 5.40
CA ARG A 142 16.31 -0.41 6.34
C ARG A 142 16.24 -1.41 7.51
N ALA A 143 15.04 -1.92 7.82
CA ALA A 143 14.83 -2.90 8.90
C ALA A 143 15.01 -4.35 8.42
N ILE A 144 15.35 -4.50 7.14
CA ILE A 144 15.74 -5.80 6.57
C ILE A 144 17.23 -5.84 6.22
N LEU A 145 17.74 -4.80 5.59
CA LEU A 145 19.14 -4.79 5.16
C LEU A 145 19.65 -3.35 5.12
N PRO A 146 20.97 -3.16 5.30
CA PRO A 146 21.57 -1.84 5.20
C PRO A 146 21.42 -1.32 3.76
N CYS A 147 20.91 -0.09 3.59
CA CYS A 147 20.69 0.45 2.26
C CYS A 147 20.45 1.95 2.27
N GLN A 148 20.58 2.59 1.11
CA GLN A 148 20.11 3.94 0.95
C GLN A 148 18.55 3.89 0.86
N ASP A 149 17.88 4.02 1.99
CA ASP A 149 16.44 3.78 2.05
C ASP A 149 15.63 4.99 1.58
N THR A 150 15.72 5.25 0.29
CA THR A 150 15.16 6.44 -0.34
C THR A 150 14.73 6.08 -1.74
N PRO A 151 13.52 6.50 -2.14
CA PRO A 151 13.02 6.18 -3.47
C PRO A 151 13.69 7.03 -4.57
N SER A 152 14.67 7.86 -4.17
CA SER A 152 15.40 8.72 -5.11
C SER A 152 16.51 7.91 -5.77
N VAL A 153 16.65 6.65 -5.35
CA VAL A 153 17.72 5.75 -5.82
C VAL A 153 17.06 4.45 -6.30
N LYS A 154 17.51 3.96 -7.45
CA LYS A 154 16.95 2.77 -8.11
C LYS A 154 18.05 1.80 -8.43
N LEU A 155 17.81 0.52 -8.17
CA LEU A 155 18.85 -0.51 -8.28
C LEU A 155 18.22 -1.75 -8.80
N THR A 156 19.01 -2.61 -9.43
CA THR A 156 18.56 -3.95 -9.78
C THR A 156 18.93 -4.84 -8.61
N TYR A 157 18.35 -6.03 -8.53
CA TYR A 157 18.80 -6.93 -7.49
C TYR A 157 18.75 -8.38 -7.87
N THR A 158 19.60 -9.15 -7.17
CA THR A 158 19.57 -10.59 -7.23
C THR A 158 19.57 -11.08 -5.78
N ALA A 159 19.07 -12.29 -5.55
CA ALA A 159 19.00 -12.84 -4.20
C ALA A 159 19.01 -14.34 -4.18
N GLU A 160 19.57 -14.88 -3.08
CA GLU A 160 19.57 -16.31 -2.81
C GLU A 160 19.06 -16.41 -1.41
N VAL A 161 17.99 -17.18 -1.22
CA VAL A 161 17.30 -17.23 0.07
C VAL A 161 17.15 -18.69 0.56
N SER A 162 17.84 -19.00 1.66
CA SER A 162 17.76 -20.33 2.27
C SER A 162 16.65 -20.39 3.32
N VAL A 163 15.75 -21.35 3.13
CA VAL A 163 14.56 -21.54 3.96
C VAL A 163 14.36 -23.04 4.25
N PRO A 164 13.66 -23.37 5.36
CA PRO A 164 13.28 -24.77 5.57
C PRO A 164 12.71 -25.37 4.26
N LYS A 165 13.18 -26.55 3.91
CA LYS A 165 12.88 -27.15 2.62
C LYS A 165 11.40 -27.38 2.31
N GLU A 166 10.57 -27.51 3.35
CA GLU A 166 9.14 -27.72 3.11
C GLU A 166 8.44 -26.41 2.74
N LEU A 167 9.11 -25.28 2.94
CA LEU A 167 8.56 -23.97 2.62
C LEU A 167 9.01 -23.39 1.27
N VAL A 168 8.28 -22.37 0.80
CA VAL A 168 8.53 -21.71 -0.48
C VAL A 168 8.84 -20.24 -0.21
N ALA A 169 9.91 -19.76 -0.84
CA ALA A 169 10.27 -18.34 -0.84
C ALA A 169 9.84 -17.72 -2.16
N LEU A 170 9.28 -16.51 -2.10
CA LEU A 170 9.00 -15.71 -3.28
C LEU A 170 9.45 -14.29 -2.98
N MET A 171 9.91 -13.59 -4.01
CA MET A 171 10.29 -12.17 -3.92
C MET A 171 9.69 -11.32 -5.06
N SER A 172 9.96 -10.00 -5.02
CA SER A 172 9.49 -9.08 -6.06
C SER A 172 10.49 -9.08 -7.25
N ALA A 173 10.50 -10.18 -7.98
CA ALA A 173 11.57 -10.48 -8.93
C ALA A 173 11.17 -11.71 -9.72
N ILE A 174 11.93 -12.04 -10.76
CA ILE A 174 11.70 -13.27 -11.52
C ILE A 174 12.36 -14.44 -10.79
N ARG A 175 11.63 -15.54 -10.67
CA ARG A 175 12.10 -16.73 -9.97
C ARG A 175 13.21 -17.30 -10.82
N ASP A 176 14.34 -17.56 -10.21
CA ASP A 176 15.47 -17.99 -10.98
C ASP A 176 15.95 -19.36 -10.50
N GLY A 177 15.02 -20.22 -10.10
CA GLY A 177 15.35 -21.59 -9.70
C GLY A 177 15.47 -21.87 -8.20
N GLU A 178 15.58 -23.16 -7.89
CA GLU A 178 15.77 -23.63 -6.52
C GLU A 178 16.69 -24.86 -6.46
N THR A 179 17.42 -25.02 -5.36
CA THR A 179 18.19 -26.24 -5.10
C THR A 179 18.20 -26.52 -3.61
N PRO A 180 18.54 -27.77 -3.21
CA PRO A 180 18.82 -28.03 -1.80
C PRO A 180 19.99 -27.16 -1.35
N ASP A 181 19.97 -26.70 -0.10
CA ASP A 181 21.11 -25.97 0.46
C ASP A 181 22.26 -26.98 0.67
N PRO A 182 23.44 -26.72 0.09
CA PRO A 182 24.63 -27.56 0.33
C PRO A 182 25.14 -27.54 1.77
N GLU A 183 24.90 -26.45 2.48
CA GLU A 183 25.34 -26.27 3.87
C GLU A 183 24.33 -26.75 4.93
N ASP A 184 23.17 -27.25 4.49
CA ASP A 184 22.11 -27.70 5.41
C ASP A 184 20.96 -28.36 4.62
N PRO A 185 21.01 -29.69 4.44
CA PRO A 185 20.02 -30.49 3.68
C PRO A 185 18.57 -30.41 4.16
N SER A 186 18.34 -29.88 5.36
CA SER A 186 16.97 -29.60 5.80
C SER A 186 16.41 -28.34 5.11
N ARG A 187 17.22 -27.73 4.24
CA ARG A 187 16.89 -26.43 3.64
C ARG A 187 16.94 -26.38 2.11
N LYS A 188 16.21 -25.42 1.54
CA LYS A 188 16.23 -25.12 0.10
C LYS A 188 16.71 -23.68 -0.11
N ILE A 189 17.47 -23.44 -1.18
CA ILE A 189 17.82 -22.09 -1.59
C ILE A 189 17.02 -21.75 -2.86
N TYR A 190 16.22 -20.68 -2.74
CA TYR A 190 15.49 -20.12 -3.85
C TYR A 190 16.27 -18.92 -4.36
N LYS A 191 16.30 -18.77 -5.67
CA LYS A 191 17.05 -17.70 -6.32
C LYS A 191 16.13 -16.77 -7.09
N PHE A 192 16.54 -15.51 -7.20
CA PHE A 192 15.69 -14.42 -7.72
C PHE A 192 16.51 -13.37 -8.46
N ILE A 193 15.91 -12.83 -9.51
CA ILE A 193 16.55 -11.79 -10.30
C ILE A 193 15.57 -10.67 -10.64
N GLN A 194 16.00 -9.44 -10.40
CA GLN A 194 15.17 -8.30 -10.76
C GLN A 194 16.03 -7.40 -11.66
N LYS A 195 15.79 -7.49 -12.97
CA LYS A 195 16.57 -6.75 -14.00
C LYS A 195 16.20 -5.28 -14.16
N VAL A 196 15.07 -4.88 -13.59
CA VAL A 196 14.56 -3.54 -13.79
C VAL A 196 14.93 -2.75 -12.53
N PRO A 197 15.64 -1.61 -12.71
CA PRO A 197 16.01 -0.79 -11.58
C PRO A 197 14.74 -0.38 -10.84
N ILE A 198 14.75 -0.58 -9.53
CA ILE A 198 13.61 -0.27 -8.69
C ILE A 198 14.09 0.46 -7.44
N PRO A 199 13.22 1.30 -6.85
CA PRO A 199 13.53 1.89 -5.55
C PRO A 199 13.45 0.79 -4.48
N CYS A 200 14.23 0.90 -3.41
CA CYS A 200 14.34 -0.24 -2.48
C CYS A 200 13.06 -0.56 -1.71
N TYR A 201 12.11 0.37 -1.64
CA TYR A 201 10.84 0.07 -0.96
C TYR A 201 10.05 -1.03 -1.68
N LEU A 202 10.44 -1.34 -2.92
CA LEU A 202 9.79 -2.39 -3.72
C LEU A 202 10.39 -3.80 -3.53
N ILE A 203 11.43 -3.91 -2.69
CA ILE A 203 12.00 -5.19 -2.32
C ILE A 203 10.99 -5.90 -1.41
N ALA A 204 10.67 -7.15 -1.76
CA ALA A 204 9.63 -7.93 -1.05
C ALA A 204 10.04 -9.38 -0.93
N LEU A 205 9.71 -9.97 0.22
CA LEU A 205 9.96 -11.39 0.45
C LEU A 205 8.79 -12.02 1.20
N VAL A 206 8.41 -13.22 0.77
CA VAL A 206 7.51 -14.07 1.51
C VAL A 206 8.11 -15.47 1.57
N VAL A 207 7.94 -16.12 2.73
CA VAL A 207 8.30 -17.51 2.94
C VAL A 207 7.15 -18.19 3.69
N GLY A 208 6.60 -19.25 3.11
CA GLY A 208 5.50 -19.98 3.72
C GLY A 208 5.15 -21.19 2.87
N ALA A 209 4.11 -21.91 3.28
CA ALA A 209 3.65 -23.10 2.60
C ALA A 209 2.73 -22.69 1.47
N LEU A 210 3.34 -22.25 0.37
CA LEU A 210 2.62 -21.60 -0.73
C LEU A 210 2.43 -22.55 -1.91
N GLU A 211 1.24 -22.49 -2.48
CA GLU A 211 0.95 -23.14 -3.74
C GLU A 211 0.51 -22.11 -4.75
N SER A 212 0.40 -22.53 -6.02
CA SER A 212 0.10 -21.61 -7.11
C SER A 212 -0.83 -22.26 -8.11
N ARG A 213 -1.65 -21.41 -8.73
CA ARG A 213 -2.50 -21.81 -9.82
C ARG A 213 -2.37 -20.73 -10.90
N GLN A 214 -2.25 -21.15 -12.16
CA GLN A 214 -2.25 -20.22 -13.27
C GLN A 214 -3.62 -19.62 -13.60
N ILE A 215 -3.68 -18.29 -13.70
CA ILE A 215 -4.97 -17.63 -14.06
C ILE A 215 -4.93 -16.77 -15.34
N GLY A 216 -3.76 -16.62 -15.94
CA GLY A 216 -3.70 -15.91 -17.22
C GLY A 216 -2.38 -16.17 -17.89
N PRO A 217 -2.17 -15.63 -19.10
CA PRO A 217 -0.92 -15.96 -19.82
C PRO A 217 0.35 -15.53 -19.08
N ARG A 218 0.24 -14.56 -18.17
CA ARG A 218 1.41 -14.12 -17.45
C ARG A 218 1.14 -13.98 -15.96
N THR A 219 0.16 -14.72 -15.43
CA THR A 219 -0.22 -14.57 -14.02
C THR A 219 -0.48 -15.87 -13.29
N LEU A 220 0.31 -16.12 -12.26
CA LEU A 220 -0.02 -17.16 -11.30
C LEU A 220 -0.56 -16.45 -10.08
N VAL A 221 -1.53 -17.07 -9.40
CA VAL A 221 -1.97 -16.67 -8.07
C VAL A 221 -1.31 -17.61 -7.03
N TRP A 222 -0.70 -17.02 -5.99
CA TRP A 222 -0.04 -17.77 -4.90
C TRP A 222 -0.77 -17.53 -3.59
N SER A 223 -0.93 -18.60 -2.81
CA SER A 223 -1.42 -18.53 -1.42
C SER A 223 -1.26 -19.90 -0.76
N GLU A 224 -1.64 -20.00 0.50
CA GLU A 224 -1.77 -21.33 1.10
C GLU A 224 -2.85 -22.10 0.34
N LYS A 225 -2.78 -23.43 0.41
CA LYS A 225 -3.69 -24.26 -0.40
C LYS A 225 -5.17 -23.97 -0.14
N GLU A 226 -5.52 -23.64 1.11
CA GLU A 226 -6.91 -23.39 1.48
C GLU A 226 -7.57 -22.21 0.70
N GLN A 227 -6.73 -21.31 0.17
CA GLN A 227 -7.21 -20.09 -0.48
C GLN A 227 -7.01 -20.07 -1.99
N VAL A 228 -6.32 -21.06 -2.53
CA VAL A 228 -5.99 -21.04 -3.96
C VAL A 228 -7.22 -20.91 -4.89
N GLU A 229 -8.20 -21.79 -4.69
CA GLU A 229 -9.33 -21.89 -5.62
C GLU A 229 -10.13 -20.61 -5.63
N LYS A 230 -10.42 -20.14 -4.42
CA LYS A 230 -11.20 -18.93 -4.26
C LYS A 230 -10.45 -17.77 -4.88
N SER A 231 -9.13 -17.73 -4.68
CA SER A 231 -8.30 -16.65 -5.21
C SER A 231 -8.27 -16.64 -6.76
N ALA A 232 -8.17 -17.84 -7.35
CA ALA A 232 -8.13 -17.94 -8.79
C ALA A 232 -9.39 -17.33 -9.45
N TYR A 233 -10.52 -17.50 -8.77
CA TYR A 233 -11.78 -16.95 -9.23
C TYR A 233 -11.93 -15.46 -8.98
N GLU A 234 -11.61 -15.04 -7.77
CA GLU A 234 -11.77 -13.65 -7.40
C GLU A 234 -10.97 -12.71 -8.31
N PHE A 235 -9.76 -13.11 -8.68
CA PHE A 235 -8.89 -12.23 -9.48
C PHE A 235 -8.75 -12.61 -10.96
N SER A 236 -9.72 -13.36 -11.49
CA SER A 236 -9.68 -13.78 -12.90
C SER A 236 -9.77 -12.65 -13.94
N GLU A 237 -10.16 -11.44 -13.53
CA GLU A 237 -10.13 -10.27 -14.44
C GLU A 237 -8.69 -9.74 -14.69
N THR A 238 -7.70 -10.28 -13.96
CA THR A 238 -6.30 -9.77 -13.98
C THR A 238 -5.71 -9.56 -15.38
N GLU A 239 -5.70 -10.60 -16.20
CA GLU A 239 -5.22 -10.44 -17.56
C GLU A 239 -5.93 -9.29 -18.34
N SER A 240 -7.26 -9.20 -18.25
CA SER A 240 -8.02 -8.17 -18.96
C SER A 240 -7.62 -6.77 -18.54
N MET A 241 -7.41 -6.61 -17.24
CA MET A 241 -6.96 -5.35 -16.69
C MET A 241 -5.56 -5.00 -17.10
N LEU A 242 -4.70 -6.00 -17.23
CA LEU A 242 -3.32 -5.79 -17.68
C LEU A 242 -3.29 -5.25 -19.10
N LYS A 243 -4.13 -5.81 -19.97
CA LYS A 243 -4.15 -5.39 -21.37
C LYS A 243 -4.60 -3.93 -21.47
N ILE A 244 -5.60 -3.56 -20.66
CA ILE A 244 -6.15 -2.21 -20.65
C ILE A 244 -5.09 -1.27 -20.13
N ALA A 245 -4.44 -1.66 -19.03
CA ALA A 245 -3.33 -0.87 -18.47
C ALA A 245 -2.17 -0.72 -19.47
N GLU A 246 -1.89 -1.76 -20.25
CA GLU A 246 -0.85 -1.64 -21.26
C GLU A 246 -1.28 -0.70 -22.36
N ASP A 247 -2.56 -0.75 -22.73
CA ASP A 247 -3.10 0.19 -23.70
C ASP A 247 -2.95 1.64 -23.22
N LEU A 248 -3.16 1.87 -21.92
CA LEU A 248 -3.16 3.23 -21.37
C LEU A 248 -1.76 3.68 -20.97
N GLY A 249 -0.97 2.75 -20.46
CA GLY A 249 0.29 3.11 -19.83
C GLY A 249 1.50 2.88 -20.71
N GLY A 250 1.35 2.02 -21.73
CA GLY A 250 2.52 1.60 -22.51
C GLY A 250 2.93 0.23 -22.01
N PRO A 251 3.98 -0.35 -22.63
CA PRO A 251 4.40 -1.73 -22.38
C PRO A 251 4.60 -2.07 -20.93
N TYR A 252 4.11 -3.23 -20.55
CA TYR A 252 4.39 -3.81 -19.24
C TYR A 252 5.80 -4.39 -19.32
N VAL A 253 6.71 -3.87 -18.51
CA VAL A 253 8.13 -4.17 -18.65
C VAL A 253 8.61 -5.22 -17.65
N TRP A 254 7.70 -5.81 -16.88
CA TRP A 254 8.12 -6.55 -15.70
C TRP A 254 8.13 -8.06 -15.88
N GLY A 255 7.84 -8.53 -17.09
CA GLY A 255 7.79 -9.96 -17.34
C GLY A 255 6.48 -10.58 -16.84
N GLN A 256 6.48 -11.08 -15.62
CA GLN A 256 5.27 -11.70 -15.07
C GLN A 256 4.46 -10.71 -14.22
N TYR A 257 3.16 -10.98 -14.10
CA TYR A 257 2.37 -10.29 -13.10
C TYR A 257 1.71 -11.34 -12.21
N ASP A 258 2.37 -11.72 -11.11
CA ASP A 258 1.80 -12.70 -10.21
C ASP A 258 1.08 -12.03 -9.05
N LEU A 259 0.16 -12.78 -8.44
CA LEU A 259 -0.52 -12.31 -7.25
C LEU A 259 -0.22 -13.24 -6.07
N LEU A 260 0.06 -12.63 -4.92
CA LEU A 260 0.18 -13.36 -3.68
C LEU A 260 -0.92 -12.88 -2.76
N VAL A 261 -1.74 -13.81 -2.29
CA VAL A 261 -2.79 -13.46 -1.32
C VAL A 261 -2.24 -13.79 0.05
N LEU A 262 -2.13 -12.76 0.89
CA LEU A 262 -1.46 -12.96 2.16
C LEU A 262 -2.40 -13.50 3.21
N PRO A 263 -1.84 -13.86 4.38
CA PRO A 263 -2.67 -14.18 5.55
C PRO A 263 -3.43 -12.90 5.94
N PRO A 264 -4.43 -13.01 6.83
CA PRO A 264 -5.35 -11.87 7.02
C PRO A 264 -4.74 -10.63 7.65
N SER A 265 -3.59 -10.74 8.30
CA SER A 265 -2.99 -9.56 8.97
C SER A 265 -2.11 -8.65 8.09
N PHE A 266 -2.03 -8.93 6.78
CA PHE A 266 -1.33 -8.01 5.89
C PHE A 266 -2.00 -6.64 6.02
N PRO A 267 -1.21 -5.58 6.22
CA PRO A 267 -1.76 -4.27 6.67
C PRO A 267 -2.47 -3.42 5.62
N TYR A 268 -2.25 -3.73 4.35
CA TYR A 268 -2.88 -2.97 3.26
C TYR A 268 -3.75 -3.83 2.33
N GLY A 269 -4.59 -3.16 1.55
CA GLY A 269 -5.36 -3.81 0.52
C GLY A 269 -4.46 -4.52 -0.45
N GLY A 270 -3.38 -3.86 -0.84
CA GLY A 270 -2.40 -4.45 -1.73
C GLY A 270 -1.10 -3.68 -1.72
N MET A 271 -0.05 -4.29 -2.26
CA MET A 271 1.26 -3.67 -2.34
C MET A 271 1.90 -4.08 -3.68
N GLU A 272 2.24 -3.07 -4.48
CA GLU A 272 2.63 -3.25 -5.88
C GLU A 272 4.07 -3.78 -6.08
N ASN A 273 4.47 -4.77 -5.27
CA ASN A 273 5.81 -5.30 -5.43
C ASN A 273 5.97 -5.84 -6.84
N PRO A 274 7.04 -5.43 -7.51
CA PRO A 274 7.20 -5.73 -8.95
C PRO A 274 7.26 -7.24 -9.19
N CYS A 275 6.52 -7.72 -10.19
CA CYS A 275 6.37 -9.16 -10.51
C CYS A 275 5.47 -9.96 -9.58
N LEU A 276 5.11 -9.38 -8.44
CA LEU A 276 4.42 -10.14 -7.39
C LEU A 276 3.65 -9.18 -6.50
N THR A 277 2.47 -8.78 -6.92
CA THR A 277 1.59 -7.91 -6.10
C THR A 277 1.15 -8.72 -4.89
N PHE A 278 1.20 -8.09 -3.72
CA PHE A 278 0.67 -8.66 -2.49
C PHE A 278 -0.75 -8.11 -2.31
N VAL A 279 -1.71 -8.97 -1.99
CA VAL A 279 -3.08 -8.53 -1.66
C VAL A 279 -3.60 -9.11 -0.34
N THR A 280 -4.47 -8.37 0.32
CA THR A 280 -5.19 -8.84 1.51
C THR A 280 -6.20 -9.92 1.12
N PRO A 281 -6.41 -10.94 1.99
CA PRO A 281 -7.50 -11.90 1.70
C PRO A 281 -8.89 -11.30 1.97
N THR A 282 -8.97 -10.11 2.54
CA THR A 282 -10.24 -9.42 2.63
C THR A 282 -10.84 -9.04 1.25
N LEU A 283 -10.09 -9.23 0.16
CA LEU A 283 -10.62 -9.04 -1.22
C LEU A 283 -11.52 -10.20 -1.69
N LEU A 284 -11.46 -11.31 -0.98
CA LEU A 284 -12.11 -12.55 -1.38
C LEU A 284 -13.60 -12.53 -1.09
N ALA A 285 -14.33 -11.68 -1.79
CA ALA A 285 -15.76 -11.49 -1.55
C ALA A 285 -16.63 -12.57 -2.20
N GLY A 286 -16.05 -13.41 -3.05
CA GLY A 286 -16.81 -14.40 -3.82
C GLY A 286 -17.36 -13.91 -5.16
N ASP A 287 -17.26 -12.62 -5.45
CA ASP A 287 -17.94 -12.09 -6.62
C ASP A 287 -17.10 -11.12 -7.45
N LYS A 288 -15.82 -10.97 -7.13
CA LYS A 288 -14.92 -10.07 -7.85
C LYS A 288 -15.23 -8.59 -7.61
N SER A 289 -16.15 -8.30 -6.69
CA SER A 289 -16.59 -6.93 -6.50
C SER A 289 -15.51 -5.99 -5.97
N LEU A 290 -14.44 -6.53 -5.40
CA LEU A 290 -13.35 -5.69 -4.86
C LEU A 290 -12.15 -5.61 -5.81
N SER A 291 -12.39 -5.93 -7.08
CA SER A 291 -11.29 -6.02 -8.05
C SER A 291 -10.64 -4.68 -8.42
N ASN A 292 -11.23 -3.55 -8.02
CA ASN A 292 -10.58 -2.26 -8.29
C ASN A 292 -9.20 -2.24 -7.64
N VAL A 293 -9.03 -2.98 -6.54
CA VAL A 293 -7.74 -3.09 -5.85
C VAL A 293 -6.70 -3.78 -6.75
N ILE A 294 -7.10 -4.82 -7.47
CA ILE A 294 -6.19 -5.37 -8.48
C ILE A 294 -5.85 -4.33 -9.56
N ALA A 295 -6.87 -3.67 -10.12
CA ALA A 295 -6.63 -2.63 -11.14
C ALA A 295 -5.61 -1.59 -10.64
N HIS A 296 -5.80 -1.20 -9.38
CA HIS A 296 -4.90 -0.25 -8.71
C HIS A 296 -3.46 -0.80 -8.60
N GLU A 297 -3.32 -2.05 -8.14
CA GLU A 297 -1.97 -2.61 -8.02
C GLU A 297 -1.30 -2.78 -9.41
N ILE A 298 -2.09 -3.20 -10.41
CA ILE A 298 -1.63 -3.30 -11.78
C ILE A 298 -1.14 -1.95 -12.25
N SER A 299 -1.92 -0.90 -12.00
CA SER A 299 -1.57 0.45 -12.48
C SER A 299 -0.22 0.94 -11.95
N HIS A 300 0.12 0.53 -10.73
CA HIS A 300 1.42 0.86 -10.15
C HIS A 300 2.59 0.36 -10.98
N SER A 301 2.34 -0.60 -11.88
CA SER A 301 3.44 -1.10 -12.74
C SER A 301 4.01 0.01 -13.66
N TRP A 302 3.23 1.09 -13.82
CA TRP A 302 3.65 2.29 -14.53
C TRP A 302 3.89 3.43 -13.52
N THR A 303 2.81 3.82 -12.85
CA THR A 303 2.82 4.97 -11.98
C THR A 303 3.21 4.56 -10.56
N GLY A 304 4.47 4.78 -10.22
CA GLY A 304 5.01 4.35 -8.94
C GLY A 304 6.24 3.50 -9.15
N ASN A 305 6.11 2.45 -9.95
CA ASN A 305 7.23 1.52 -10.21
C ASN A 305 8.18 1.91 -11.39
N LEU A 306 7.64 2.57 -12.40
CA LEU A 306 8.45 3.18 -13.49
C LEU A 306 8.73 4.63 -13.18
N VAL A 307 7.67 5.43 -13.03
CA VAL A 307 7.80 6.80 -12.51
C VAL A 307 7.61 6.72 -11.01
N THR A 308 8.61 7.16 -10.26
CA THR A 308 8.60 7.00 -8.82
C THR A 308 8.80 8.33 -8.18
N ASN A 309 8.06 8.57 -7.09
CA ASN A 309 8.29 9.72 -6.22
C ASN A 309 9.72 9.79 -5.68
N LYS A 310 10.37 10.94 -5.86
CA LYS A 310 11.75 11.18 -5.40
C LYS A 310 11.88 11.11 -3.90
N THR A 311 10.92 11.68 -3.19
CA THR A 311 10.84 11.52 -1.73
C THR A 311 9.37 11.28 -1.35
N TRP A 312 9.13 10.99 -0.07
CA TRP A 312 7.77 10.64 0.33
C TRP A 312 6.88 11.88 0.48
N ASP A 313 7.46 13.07 0.39
CA ASP A 313 6.69 14.29 0.34
C ASP A 313 5.77 14.31 -0.87
N HIS A 314 6.17 13.57 -1.93
CA HIS A 314 5.49 13.57 -3.23
C HIS A 314 4.78 12.26 -3.55
N PHE A 315 4.44 11.54 -2.47
CA PHE A 315 3.69 10.28 -2.48
C PHE A 315 2.43 10.39 -3.34
N TRP A 316 1.76 11.56 -3.31
CA TRP A 316 0.59 11.75 -4.18
C TRP A 316 0.88 11.41 -5.65
N LEU A 317 2.09 11.68 -6.10
CA LEU A 317 2.45 11.34 -7.49
C LEU A 317 2.23 9.86 -7.73
N ASN A 318 2.82 9.03 -6.86
CA ASN A 318 2.56 7.58 -6.87
C ASN A 318 1.07 7.23 -6.84
N GLU A 319 0.38 7.78 -5.84
CA GLU A 319 -0.99 7.35 -5.53
C GLU A 319 -2.12 7.95 -6.37
N GLY A 320 -2.11 9.26 -6.58
CA GLY A 320 -3.16 9.91 -7.39
C GLY A 320 -3.16 9.41 -8.83
N HIS A 321 -1.98 9.32 -9.43
CA HIS A 321 -1.92 8.79 -10.80
C HIS A 321 -2.40 7.35 -10.88
N THR A 322 -2.13 6.57 -9.83
CA THR A 322 -2.52 5.18 -9.81
C THR A 322 -4.02 5.02 -9.65
N VAL A 323 -4.62 5.82 -8.77
CA VAL A 323 -6.09 5.88 -8.64
C VAL A 323 -6.76 6.31 -9.95
N TYR A 324 -6.15 7.31 -10.61
CA TYR A 324 -6.61 7.79 -11.89
C TYR A 324 -6.62 6.67 -12.95
N LEU A 325 -5.53 5.92 -13.06
CA LEU A 325 -5.47 4.82 -14.01
C LEU A 325 -6.42 3.69 -13.60
N GLU A 326 -6.36 3.37 -12.32
CA GLU A 326 -7.26 2.41 -11.70
C GLU A 326 -8.68 2.63 -12.18
N ARG A 327 -9.16 3.87 -12.05
CA ARG A 327 -10.57 4.13 -12.30
C ARG A 327 -10.92 4.08 -13.79
N HIS A 328 -9.93 4.38 -14.65
CA HIS A 328 -10.05 4.24 -16.09
C HIS A 328 -10.19 2.79 -16.56
N ILE A 329 -9.41 1.90 -15.93
CA ILE A 329 -9.49 0.47 -16.20
C ILE A 329 -10.89 -0.05 -15.84
N CYS A 330 -11.37 0.33 -14.64
CA CYS A 330 -12.69 -0.09 -14.19
C CYS A 330 -13.77 0.53 -15.09
N GLY A 331 -13.61 1.81 -15.44
CA GLY A 331 -14.47 2.46 -16.41
C GLY A 331 -14.50 1.76 -17.76
N ARG A 332 -13.35 1.31 -18.24
CA ARG A 332 -13.29 0.58 -19.50
C ARG A 332 -14.05 -0.75 -19.37
N LEU A 333 -13.85 -1.48 -18.28
CA LEU A 333 -14.50 -2.78 -18.08
C LEU A 333 -15.99 -2.63 -17.85
N PHE A 334 -16.37 -1.65 -17.03
CA PHE A 334 -17.77 -1.53 -16.58
C PHE A 334 -18.53 -0.25 -16.98
N GLY A 335 -17.85 0.70 -17.60
CA GLY A 335 -18.52 1.85 -18.22
C GLY A 335 -18.15 3.19 -17.59
N GLU A 336 -18.25 4.25 -18.39
CA GLU A 336 -17.92 5.61 -17.94
C GLU A 336 -18.76 6.12 -16.75
N LYS A 337 -20.04 5.75 -16.70
CA LYS A 337 -20.88 6.07 -15.55
C LYS A 337 -20.33 5.43 -14.26
N PHE A 338 -19.79 4.22 -14.37
CA PHE A 338 -19.19 3.54 -13.21
C PHE A 338 -17.95 4.29 -12.74
N ARG A 339 -17.11 4.65 -13.71
CA ARG A 339 -15.95 5.50 -13.43
C ARG A 339 -16.35 6.74 -12.63
N HIS A 340 -17.33 7.50 -13.10
CA HIS A 340 -17.81 8.67 -12.36
C HIS A 340 -18.34 8.31 -10.96
N PHE A 341 -19.06 7.19 -10.85
CA PHE A 341 -19.62 6.73 -9.57
C PHE A 341 -18.48 6.58 -8.54
N ASN A 342 -17.41 5.89 -8.96
CA ASN A 342 -16.22 5.64 -8.13
C ASN A 342 -15.44 6.89 -7.83
N ALA A 343 -15.32 7.75 -8.84
CA ALA A 343 -14.67 9.04 -8.66
C ALA A 343 -15.38 9.81 -7.56
N LEU A 344 -16.71 9.88 -7.64
CA LEU A 344 -17.51 10.63 -6.69
C LEU A 344 -17.43 9.98 -5.29
N GLY A 345 -17.53 8.66 -5.23
CA GLY A 345 -17.26 7.95 -3.96
C GLY A 345 -15.91 8.35 -3.35
N GLY A 346 -14.89 8.45 -4.20
CA GLY A 346 -13.56 8.86 -3.78
C GLY A 346 -13.57 10.24 -3.14
N TRP A 347 -14.32 11.18 -3.73
CA TRP A 347 -14.47 12.51 -3.15
C TRP A 347 -15.09 12.45 -1.74
N GLY A 348 -16.05 11.56 -1.55
CA GLY A 348 -16.67 11.35 -0.24
C GLY A 348 -15.64 10.86 0.76
N GLU A 349 -14.72 10.02 0.30
CA GLU A 349 -13.66 9.50 1.17
C GLU A 349 -12.70 10.62 1.55
N LEU A 350 -12.41 11.52 0.61
CA LEU A 350 -11.62 12.72 0.88
C LEU A 350 -12.30 13.64 1.89
N GLN A 351 -13.61 13.83 1.73
CA GLN A 351 -14.41 14.58 2.72
C GLN A 351 -14.26 13.96 4.10
N ASN A 352 -14.38 12.63 4.17
CA ASN A 352 -14.16 11.91 5.43
C ASN A 352 -12.77 12.18 6.05
N SER A 353 -11.71 12.00 5.26
CA SER A 353 -10.35 12.21 5.77
C SER A 353 -10.12 13.61 6.31
N VAL A 354 -10.57 14.61 5.53
CA VAL A 354 -10.33 16.01 5.84
C VAL A 354 -11.12 16.35 7.10
N LYS A 355 -12.35 15.83 7.21
CA LYS A 355 -13.12 15.96 8.44
C LYS A 355 -12.42 15.31 9.64
N THR A 356 -11.92 14.10 9.46
CA THR A 356 -11.20 13.40 10.53
C THR A 356 -9.97 14.18 11.00
N PHE A 357 -9.09 14.54 10.06
CA PHE A 357 -7.87 15.25 10.40
C PHE A 357 -8.18 16.65 10.90
N GLY A 358 -9.11 17.32 10.24
CA GLY A 358 -9.37 18.71 10.53
C GLY A 358 -8.93 19.47 9.30
N GLU A 359 -9.75 20.43 8.91
CA GLU A 359 -9.60 21.06 7.61
C GLU A 359 -8.31 21.86 7.45
N THR A 360 -7.63 22.15 8.56
CA THR A 360 -6.38 22.90 8.49
C THR A 360 -5.16 22.04 8.77
N HIS A 361 -5.39 20.77 9.07
CA HIS A 361 -4.31 19.82 9.39
C HIS A 361 -3.31 19.64 8.23
N PRO A 362 -2.00 19.69 8.54
CA PRO A 362 -0.89 19.53 7.59
C PRO A 362 -0.99 18.27 6.71
N PHE A 363 -1.46 17.16 7.28
CA PHE A 363 -1.59 15.91 6.53
C PHE A 363 -2.69 15.95 5.46
N THR A 364 -3.41 17.08 5.32
CA THR A 364 -4.46 17.23 4.29
C THR A 364 -3.98 18.04 3.09
N LYS A 365 -2.73 18.48 3.14
CA LYS A 365 -2.09 19.04 1.97
C LYS A 365 -1.76 17.92 1.00
N LEU A 366 -1.74 18.24 -0.29
CA LEU A 366 -1.41 17.24 -1.31
C LEU A 366 0.05 16.84 -1.17
N VAL A 367 0.92 17.85 -1.20
CA VAL A 367 2.33 17.67 -0.92
C VAL A 367 2.51 17.96 0.55
N VAL A 368 3.21 17.08 1.26
CA VAL A 368 3.40 17.23 2.69
C VAL A 368 4.89 17.38 3.04
N ASP A 369 5.19 17.90 4.22
CA ASP A 369 6.58 17.98 4.65
C ASP A 369 6.80 16.97 5.76
N LEU A 370 7.44 15.85 5.42
CA LEU A 370 7.62 14.71 6.34
C LEU A 370 8.83 14.82 7.27
N THR A 371 9.48 15.98 7.29
CA THR A 371 10.55 16.27 8.24
C THR A 371 10.05 15.97 9.66
N ASP A 372 10.63 14.94 10.30
CA ASP A 372 10.23 14.57 11.65
C ASP A 372 8.79 14.06 11.73
N ILE A 373 8.30 13.45 10.66
CA ILE A 373 7.01 12.81 10.67
C ILE A 373 7.29 11.41 10.16
N ASP A 374 6.77 10.42 10.88
CA ASP A 374 6.81 9.02 10.48
C ASP A 374 5.80 8.89 9.33
N PRO A 375 6.23 8.47 8.12
CA PRO A 375 5.29 8.27 6.99
C PRO A 375 4.09 7.37 7.33
N ASP A 376 4.27 6.44 8.27
CA ASP A 376 3.19 5.52 8.66
C ASP A 376 2.10 6.28 9.39
N VAL A 377 2.51 7.32 10.12
CA VAL A 377 1.59 8.16 10.89
C VAL A 377 0.85 9.14 9.97
N ALA A 378 1.54 9.63 8.93
CA ALA A 378 1.00 10.59 7.98
C ALA A 378 0.15 9.95 6.88
N TYR A 379 0.32 8.65 6.67
CA TYR A 379 -0.40 7.90 5.66
C TYR A 379 -1.93 8.03 5.80
N SER A 380 -2.63 8.27 4.68
CA SER A 380 -4.10 8.35 4.66
C SER A 380 -4.61 8.32 3.24
N SER A 381 -5.90 8.60 3.09
CA SER A 381 -6.59 8.71 1.80
C SER A 381 -6.23 9.96 1.03
N VAL A 382 -5.65 10.94 1.71
CA VAL A 382 -5.46 12.24 1.09
C VAL A 382 -4.68 12.16 -0.24
N PRO A 383 -3.44 11.61 -0.22
CA PRO A 383 -2.67 11.59 -1.48
C PRO A 383 -3.36 10.86 -2.60
N TYR A 384 -4.13 9.80 -2.27
CA TYR A 384 -4.98 9.07 -3.23
C TYR A 384 -6.07 9.96 -3.79
N GLU A 385 -6.87 10.53 -2.89
CA GLU A 385 -8.12 11.14 -3.32
C GLU A 385 -7.97 12.62 -3.69
N LYS A 386 -7.15 13.35 -2.95
CA LYS A 386 -6.87 14.70 -3.38
C LYS A 386 -6.05 14.66 -4.69
N GLY A 387 -5.08 13.75 -4.74
CA GLY A 387 -4.29 13.51 -5.96
C GLY A 387 -5.18 13.19 -7.15
N PHE A 388 -6.10 12.24 -6.95
CA PHE A 388 -7.07 11.90 -7.99
C PHE A 388 -7.97 13.10 -8.35
N ALA A 389 -8.53 13.78 -7.34
CA ALA A 389 -9.39 14.96 -7.61
C ALA A 389 -8.69 16.00 -8.47
N LEU A 390 -7.42 16.29 -8.17
CA LEU A 390 -6.62 17.16 -9.05
C LEU A 390 -6.56 16.72 -10.52
N LEU A 391 -6.26 15.45 -10.74
CA LEU A 391 -6.18 14.90 -12.10
C LEU A 391 -7.52 14.85 -12.83
N PHE A 392 -8.59 14.52 -12.11
CA PHE A 392 -9.93 14.46 -12.68
C PHE A 392 -10.36 15.88 -13.06
N TYR A 393 -10.12 16.82 -12.16
CA TYR A 393 -10.31 18.24 -12.44
C TYR A 393 -9.53 18.75 -13.66
N LEU A 394 -8.26 18.38 -13.77
CA LEU A 394 -7.44 18.75 -14.94
C LEU A 394 -7.96 18.08 -16.21
N GLU A 395 -8.28 16.78 -16.12
CA GLU A 395 -8.93 16.07 -17.21
C GLU A 395 -10.10 16.87 -17.81
N GLN A 396 -10.95 17.40 -16.93
CA GLN A 396 -12.15 18.12 -17.36
C GLN A 396 -11.80 19.51 -17.90
N LEU A 397 -10.76 20.10 -17.33
CA LEU A 397 -10.28 21.40 -17.73
C LEU A 397 -9.61 21.35 -19.11
N LEU A 398 -8.90 20.26 -19.37
CA LEU A 398 -7.99 20.18 -20.49
C LEU A 398 -8.57 19.47 -21.72
N GLY A 399 -9.82 19.01 -21.63
CA GLY A 399 -10.53 18.52 -22.80
C GLY A 399 -11.04 17.09 -22.75
N GLY A 400 -11.07 16.50 -21.56
CA GLY A 400 -11.68 15.18 -21.41
C GLY A 400 -10.70 14.02 -21.30
N PRO A 401 -11.24 12.81 -21.04
CA PRO A 401 -10.42 11.65 -20.73
C PRO A 401 -9.47 11.22 -21.84
N GLU A 402 -9.90 11.27 -23.11
CA GLU A 402 -9.02 10.82 -24.19
C GLU A 402 -7.74 11.65 -24.22
N ILE A 403 -7.91 12.96 -24.05
CA ILE A 403 -6.82 13.93 -24.11
C ILE A 403 -5.87 13.81 -22.90
N PHE A 404 -6.45 13.72 -21.71
CA PHE A 404 -5.60 13.66 -20.54
C PHE A 404 -4.89 12.32 -20.49
N LEU A 405 -5.50 11.28 -21.07
CA LEU A 405 -4.85 9.95 -21.12
C LEU A 405 -3.61 9.97 -22.03
N GLY A 406 -3.63 10.85 -23.03
CA GLY A 406 -2.47 11.09 -23.90
C GLY A 406 -1.31 11.62 -23.09
N PHE A 407 -1.63 12.50 -22.13
CA PHE A 407 -0.65 13.10 -21.24
C PHE A 407 -0.06 12.09 -20.27
N LEU A 408 -0.93 11.25 -19.73
CA LEU A 408 -0.53 10.20 -18.80
C LEU A 408 0.44 9.25 -19.47
N LYS A 409 0.17 8.84 -20.71
CA LYS A 409 1.06 7.93 -21.39
C LYS A 409 2.41 8.61 -21.66
N ALA A 410 2.37 9.89 -22.05
CA ALA A 410 3.59 10.65 -22.34
C ALA A 410 4.37 10.91 -21.08
N TYR A 411 3.63 11.12 -20.00
CA TYR A 411 4.24 11.34 -18.69
C TYR A 411 5.01 10.08 -18.23
N VAL A 412 4.39 8.91 -18.38
CA VAL A 412 5.04 7.65 -18.03
C VAL A 412 6.30 7.43 -18.86
N GLU A 413 6.17 7.67 -20.17
CA GLU A 413 7.27 7.47 -21.10
C GLU A 413 8.44 8.34 -20.67
N LYS A 414 8.15 9.62 -20.48
CA LYS A 414 9.10 10.64 -20.15
C LYS A 414 9.92 10.33 -18.89
N PHE A 415 9.26 9.80 -17.87
CA PHE A 415 9.89 9.66 -16.56
C PHE A 415 10.12 8.20 -16.16
N SER A 416 10.06 7.28 -17.12
CA SER A 416 10.35 5.88 -16.83
C SER A 416 11.73 5.68 -16.23
N TYR A 417 11.82 4.80 -15.24
CA TYR A 417 13.10 4.47 -14.57
C TYR A 417 13.68 5.66 -13.81
N LYS A 418 12.88 6.67 -13.57
CA LYS A 418 13.34 7.88 -12.89
C LYS A 418 12.55 8.14 -11.60
N SER A 419 13.08 9.04 -10.78
CA SER A 419 12.40 9.45 -9.57
C SER A 419 12.16 10.96 -9.65
N ILE A 420 10.93 11.39 -9.37
CA ILE A 420 10.53 12.76 -9.69
C ILE A 420 9.79 13.48 -8.59
N THR A 421 9.80 14.81 -8.67
CA THR A 421 9.09 15.67 -7.75
C THR A 421 7.80 16.21 -8.37
N THR A 422 6.98 16.85 -7.53
CA THR A 422 5.77 17.56 -7.98
C THR A 422 6.11 18.62 -9.02
N ASP A 423 7.24 19.30 -8.87
CA ASP A 423 7.68 20.30 -9.86
C ASP A 423 8.02 19.70 -11.21
N ASP A 424 8.71 18.54 -11.20
CA ASP A 424 8.96 17.74 -12.40
C ASP A 424 7.66 17.40 -13.14
N TRP A 425 6.65 16.98 -12.39
CA TRP A 425 5.33 16.67 -12.95
C TRP A 425 4.67 17.91 -13.54
N LYS A 426 4.66 19.00 -12.78
CA LYS A 426 4.00 20.23 -13.20
C LYS A 426 4.68 20.85 -14.42
N ASP A 427 6.01 20.80 -14.45
CA ASP A 427 6.81 21.28 -15.58
C ASP A 427 6.47 20.50 -16.84
N PHE A 428 6.45 19.18 -16.73
CA PHE A 428 6.05 18.36 -17.86
C PHE A 428 4.59 18.54 -18.26
N LEU A 429 3.70 18.75 -17.30
CA LEU A 429 2.29 19.03 -17.62
C LEU A 429 2.16 20.29 -18.53
N TYR A 430 2.90 21.34 -18.15
CA TYR A 430 2.98 22.58 -18.93
C TYR A 430 3.63 22.39 -20.30
N SER A 431 4.70 21.60 -20.34
CA SER A 431 5.33 21.25 -21.62
C SER A 431 4.36 20.53 -22.56
N TYR A 432 3.77 19.45 -22.05
CA TYR A 432 2.82 18.68 -22.85
C TYR A 432 1.60 19.48 -23.31
N PHE A 433 1.06 20.32 -22.44
CA PHE A 433 -0.13 21.09 -22.79
C PHE A 433 0.20 22.55 -23.11
N LYS A 434 1.34 22.82 -23.75
CA LYS A 434 1.81 24.22 -23.95
C LYS A 434 0.83 25.09 -24.73
N ASP A 435 0.03 24.47 -25.59
CA ASP A 435 -1.07 25.17 -26.24
C ASP A 435 -2.27 25.46 -25.33
N LYS A 436 -2.16 25.10 -24.06
CA LYS A 436 -3.27 25.26 -23.12
C LYS A 436 -2.78 25.87 -21.83
N VAL A 437 -1.68 26.59 -21.90
CA VAL A 437 -1.06 27.18 -20.71
C VAL A 437 -1.99 28.21 -20.05
N ASP A 438 -2.76 28.95 -20.84
CA ASP A 438 -3.67 29.94 -20.26
C ASP A 438 -4.69 29.27 -19.35
N VAL A 439 -5.27 28.18 -19.85
CA VAL A 439 -6.15 27.31 -19.10
C VAL A 439 -5.45 26.74 -17.84
N LEU A 440 -4.25 26.17 -18.00
CA LEU A 440 -3.44 25.68 -16.87
C LEU A 440 -3.16 26.77 -15.84
N ASN A 441 -3.03 28.01 -16.32
CA ASN A 441 -2.80 29.14 -15.43
C ASN A 441 -4.04 29.61 -14.67
N GLN A 442 -5.19 29.03 -14.98
CA GLN A 442 -6.36 29.24 -14.18
C GLN A 442 -6.41 28.37 -12.93
N VAL A 443 -5.68 27.26 -12.91
CA VAL A 443 -5.62 26.40 -11.71
C VAL A 443 -4.98 27.14 -10.55
N ASP A 444 -5.61 27.03 -9.38
CA ASP A 444 -5.00 27.59 -8.19
C ASP A 444 -3.99 26.59 -7.62
N TRP A 445 -2.78 26.62 -8.17
CA TRP A 445 -1.72 25.66 -7.89
C TRP A 445 -1.33 25.64 -6.41
N ASN A 446 -1.17 26.82 -5.85
CA ASN A 446 -0.75 26.88 -4.47
C ASN A 446 -1.77 26.20 -3.54
N ALA A 447 -3.06 26.36 -3.86
CA ALA A 447 -4.12 25.76 -3.06
C ALA A 447 -4.11 24.27 -3.28
N TRP A 448 -4.24 23.83 -4.53
CA TRP A 448 -4.32 22.41 -4.82
C TRP A 448 -3.16 21.63 -4.22
N LEU A 449 -1.94 22.17 -4.37
CA LEU A 449 -0.71 21.46 -3.99
C LEU A 449 -0.30 21.63 -2.54
N TYR A 450 -0.54 22.80 -1.97
CA TYR A 450 0.12 23.16 -0.70
C TYR A 450 -0.79 23.54 0.48
N SER A 451 -2.08 23.70 0.20
CA SER A 451 -3.05 24.09 1.21
C SER A 451 -3.75 22.87 1.81
N PRO A 452 -4.08 22.94 3.11
CA PRO A 452 -4.88 21.93 3.80
C PRO A 452 -6.35 22.00 3.39
N GLY A 453 -7.11 20.97 3.74
CA GLY A 453 -8.57 20.98 3.53
C GLY A 453 -9.01 20.45 2.17
N LEU A 454 -10.32 20.52 1.91
CA LEU A 454 -10.86 20.07 0.64
C LEU A 454 -10.29 20.96 -0.48
N PRO A 455 -10.15 20.41 -1.69
CA PRO A 455 -9.62 21.17 -2.84
C PRO A 455 -10.42 22.46 -3.13
N PRO A 456 -9.81 23.45 -3.79
CA PRO A 456 -10.56 24.71 -3.98
C PRO A 456 -11.71 24.59 -4.96
N ILE A 457 -11.66 23.56 -5.81
CA ILE A 457 -12.66 23.31 -6.85
C ILE A 457 -13.03 21.83 -6.83
N LYS A 458 -14.31 21.53 -6.98
CA LYS A 458 -14.80 20.16 -7.06
C LYS A 458 -15.09 19.83 -8.51
N PRO A 459 -14.58 18.67 -8.98
CA PRO A 459 -14.87 18.27 -10.35
C PRO A 459 -16.38 18.05 -10.58
N ASN A 460 -16.79 17.86 -11.83
CA ASN A 460 -18.19 17.54 -12.12
C ASN A 460 -18.35 16.04 -12.22
N TYR A 461 -19.39 15.50 -11.60
CA TYR A 461 -19.61 14.07 -11.58
C TYR A 461 -20.97 13.68 -12.15
N ASP A 462 -20.99 12.76 -13.10
CA ASP A 462 -22.21 12.09 -13.48
C ASP A 462 -22.80 11.45 -12.21
N MET A 463 -24.12 11.59 -12.04
CA MET A 463 -24.82 11.11 -10.84
C MET A 463 -25.63 9.82 -11.04
N THR A 464 -25.68 9.31 -12.27
CA THR A 464 -26.62 8.20 -12.58
C THR A 464 -26.66 7.06 -11.55
N LEU A 465 -25.51 6.49 -11.24
CA LEU A 465 -25.47 5.34 -10.30
C LEU A 465 -25.51 5.76 -8.84
N THR A 466 -25.23 7.02 -8.56
CA THR A 466 -25.18 7.52 -7.19
C THR A 466 -26.59 7.85 -6.67
N ASN A 467 -27.43 8.42 -7.52
CA ASN A 467 -28.76 8.93 -7.10
C ASN A 467 -29.56 7.98 -6.21
N ALA A 468 -29.73 6.72 -6.64
CA ALA A 468 -30.47 5.75 -5.82
C ALA A 468 -29.85 5.55 -4.43
N CYS A 469 -28.52 5.68 -4.31
CA CYS A 469 -27.85 5.48 -3.02
C CYS A 469 -28.14 6.63 -2.05
N ILE A 470 -28.13 7.84 -2.60
CA ILE A 470 -28.44 9.05 -1.85
C ILE A 470 -29.93 9.03 -1.46
N ALA A 471 -30.78 8.67 -2.42
CA ALA A 471 -32.23 8.64 -2.20
C ALA A 471 -32.55 7.73 -1.04
N LEU A 472 -32.02 6.51 -1.07
CA LEU A 472 -32.23 5.57 0.05
C LEU A 472 -31.68 6.08 1.40
N SER A 473 -30.46 6.65 1.34
CA SER A 473 -29.80 7.12 2.55
C SER A 473 -30.61 8.25 3.16
N GLN A 474 -31.07 9.17 2.32
CA GLN A 474 -31.97 10.26 2.73
C GLN A 474 -33.29 9.78 3.35
N ARG A 475 -33.85 8.69 2.81
CA ARG A 475 -35.03 8.09 3.43
C ARG A 475 -34.82 7.65 4.87
N TRP A 476 -33.71 6.96 5.09
CA TRP A 476 -33.37 6.51 6.42
C TRP A 476 -33.08 7.67 7.36
N ILE A 477 -32.36 8.68 6.88
CA ILE A 477 -31.97 9.81 7.74
C ILE A 477 -33.20 10.63 8.19
N THR A 478 -34.11 10.88 7.24
CA THR A 478 -35.31 11.70 7.47
C THR A 478 -36.48 10.92 8.08
N ALA A 479 -36.38 9.58 8.13
CA ALA A 479 -37.43 8.74 8.68
C ALA A 479 -37.67 9.01 10.17
N LYS A 480 -38.94 9.04 10.56
CA LYS A 480 -39.34 8.98 11.95
C LYS A 480 -39.80 7.55 12.25
N GLU A 481 -40.07 7.26 13.51
CA GLU A 481 -40.47 5.91 13.92
C GLU A 481 -41.62 5.36 13.09
N ASP A 482 -42.64 6.19 12.82
CA ASP A 482 -43.77 5.69 12.05
C ASP A 482 -43.48 5.39 10.56
N ASP A 483 -42.28 5.73 10.09
CA ASP A 483 -41.83 5.46 8.72
C ASP A 483 -41.05 4.15 8.55
N LEU A 484 -40.58 3.60 9.67
CA LEU A 484 -39.72 2.41 9.68
C LEU A 484 -40.38 1.18 9.07
N ASN A 485 -41.70 1.08 9.24
CA ASN A 485 -42.46 -0.04 8.73
C ASN A 485 -42.36 -0.13 7.22
N SER A 486 -42.24 1.03 6.58
CA SER A 486 -42.28 1.09 5.14
C SER A 486 -41.01 0.56 4.50
N PHE A 487 -39.91 0.53 5.25
CA PHE A 487 -38.69 -0.09 4.72
C PHE A 487 -38.84 -1.59 4.56
N ASN A 488 -38.21 -2.11 3.50
CA ASN A 488 -38.38 -3.49 3.09
C ASN A 488 -37.22 -3.95 2.22
N ALA A 489 -36.93 -5.25 2.24
CA ALA A 489 -35.84 -5.85 1.46
C ALA A 489 -35.84 -5.42 -0.01
N THR A 490 -37.01 -5.14 -0.58
CA THR A 490 -37.07 -4.75 -1.98
C THR A 490 -36.45 -3.36 -2.24
N ASP A 491 -36.18 -2.62 -1.17
CA ASP A 491 -35.46 -1.34 -1.32
C ASP A 491 -34.10 -1.55 -2.01
N LEU A 492 -33.53 -2.75 -1.86
CA LEU A 492 -32.15 -3.04 -2.27
C LEU A 492 -32.06 -3.77 -3.61
N LYS A 493 -33.23 -4.21 -4.08
CA LYS A 493 -33.42 -5.05 -5.27
C LYS A 493 -32.60 -4.66 -6.50
N ASP A 494 -32.57 -3.37 -6.81
CA ASP A 494 -31.85 -2.92 -7.99
C ASP A 494 -30.49 -2.25 -7.66
N LEU A 495 -29.95 -2.51 -6.47
CA LEU A 495 -28.66 -1.92 -6.09
C LEU A 495 -27.59 -2.96 -6.21
N SER A 496 -26.50 -2.63 -6.90
CA SER A 496 -25.34 -3.51 -6.93
C SER A 496 -24.66 -3.45 -5.56
N SER A 497 -23.64 -4.29 -5.34
CA SER A 497 -22.91 -4.27 -4.07
C SER A 497 -22.20 -2.94 -3.91
N HIS A 498 -21.72 -2.39 -5.03
CA HIS A 498 -21.06 -1.09 -5.02
C HIS A 498 -22.01 -0.01 -4.50
N GLN A 499 -23.25 -0.08 -4.97
CA GLN A 499 -24.29 0.85 -4.54
C GLN A 499 -24.70 0.62 -3.10
N LEU A 500 -24.73 -0.64 -2.67
CA LEU A 500 -25.02 -0.96 -1.27
C LEU A 500 -23.98 -0.29 -0.39
N ASN A 501 -22.73 -0.41 -0.83
CA ASN A 501 -21.59 0.17 -0.13
C ASN A 501 -21.65 1.71 -0.11
N GLU A 502 -22.02 2.33 -1.22
CA GLU A 502 -22.16 3.78 -1.25
C GLU A 502 -23.36 4.27 -0.39
N PHE A 503 -24.46 3.52 -0.43
CA PHE A 503 -25.60 3.77 0.45
C PHE A 503 -25.11 3.81 1.89
N LEU A 504 -24.30 2.82 2.28
CA LEU A 504 -23.83 2.73 3.65
C LEU A 504 -22.82 3.82 3.96
N ALA A 505 -21.96 4.13 2.99
CA ALA A 505 -21.02 5.25 3.11
C ALA A 505 -21.74 6.58 3.33
N GLN A 506 -22.83 6.79 2.57
CA GLN A 506 -23.67 7.98 2.71
C GLN A 506 -24.26 8.10 4.09
N THR A 507 -24.79 6.98 4.57
CA THR A 507 -25.47 6.97 5.85
C THR A 507 -24.46 7.17 6.97
N LEU A 508 -23.30 6.51 6.83
CA LEU A 508 -22.24 6.61 7.82
C LEU A 508 -21.79 8.05 8.00
N GLN A 509 -21.80 8.83 6.92
CA GLN A 509 -21.44 10.24 7.03
C GLN A 509 -22.35 11.04 8.00
N ARG A 510 -23.55 10.52 8.29
CA ARG A 510 -24.47 11.21 9.21
C ARG A 510 -24.64 10.50 10.54
N ALA A 511 -23.83 9.48 10.80
CA ALA A 511 -23.93 8.67 12.03
C ALA A 511 -23.56 9.53 13.25
N PRO A 512 -24.22 9.29 14.41
CA PRO A 512 -25.17 8.18 14.66
C PRO A 512 -26.54 8.43 14.07
N LEU A 513 -27.21 7.34 13.68
CA LEU A 513 -28.64 7.32 13.45
C LEU A 513 -29.30 6.80 14.73
N PRO A 514 -30.62 6.98 14.89
CA PRO A 514 -31.21 6.45 16.13
C PRO A 514 -31.10 4.93 16.15
N LEU A 515 -30.97 4.37 17.35
CA LEU A 515 -30.78 2.94 17.54
C LEU A 515 -31.89 2.13 16.88
N GLY A 516 -33.13 2.59 17.03
CA GLY A 516 -34.28 1.94 16.41
C GLY A 516 -34.17 1.82 14.90
N HIS A 517 -33.70 2.88 14.24
CA HIS A 517 -33.50 2.84 12.79
C HIS A 517 -32.50 1.74 12.39
N ILE A 518 -31.38 1.66 13.11
CA ILE A 518 -30.33 0.70 12.82
C ILE A 518 -30.82 -0.73 13.08
N LYS A 519 -31.54 -0.93 14.19
CA LYS A 519 -32.18 -2.23 14.43
C LYS A 519 -33.11 -2.62 13.28
N ARG A 520 -33.89 -1.66 12.79
CA ARG A 520 -34.78 -1.93 11.65
C ARG A 520 -34.00 -2.31 10.40
N MET A 521 -32.89 -1.62 10.13
CA MET A 521 -32.06 -1.92 8.95
C MET A 521 -31.66 -3.37 8.96
N GLN A 522 -31.26 -3.88 10.11
CA GLN A 522 -30.85 -5.26 10.21
C GLN A 522 -32.07 -6.14 9.96
N GLU A 523 -33.20 -5.76 10.55
CA GLU A 523 -34.43 -6.52 10.42
C GLU A 523 -34.86 -6.66 8.96
N VAL A 524 -34.76 -5.58 8.19
CA VAL A 524 -35.21 -5.60 6.79
C VAL A 524 -34.14 -5.92 5.75
N TYR A 525 -32.90 -5.61 6.04
CA TYR A 525 -31.84 -5.73 5.02
C TYR A 525 -30.84 -6.84 5.34
N ASN A 526 -30.87 -7.35 6.56
CA ASN A 526 -29.95 -8.41 7.00
C ASN A 526 -28.50 -8.13 6.63
N PHE A 527 -28.01 -6.92 6.92
CA PHE A 527 -26.60 -6.62 6.64
C PHE A 527 -25.65 -7.49 7.46
N ASN A 528 -26.10 -8.04 8.59
CA ASN A 528 -25.20 -8.90 9.37
C ASN A 528 -24.72 -10.10 8.57
N ALA A 529 -25.46 -10.48 7.53
CA ALA A 529 -25.14 -11.68 6.75
C ALA A 529 -24.15 -11.44 5.58
N ILE A 530 -23.84 -10.18 5.31
CA ILE A 530 -22.96 -9.80 4.18
C ILE A 530 -21.51 -9.94 4.63
N ASN A 531 -20.76 -10.75 3.89
CA ASN A 531 -19.33 -10.94 4.14
C ASN A 531 -18.44 -10.03 3.34
N ASN A 532 -18.99 -9.34 2.35
CA ASN A 532 -18.21 -8.33 1.64
C ASN A 532 -17.54 -7.39 2.65
N SER A 533 -16.21 -7.40 2.70
CA SER A 533 -15.47 -6.70 3.75
C SER A 533 -15.70 -5.21 3.76
N GLU A 534 -15.77 -4.58 2.59
CA GLU A 534 -16.06 -3.14 2.54
C GLU A 534 -17.44 -2.77 3.14
N ILE A 535 -18.45 -3.57 2.82
CA ILE A 535 -19.81 -3.33 3.28
C ILE A 535 -19.89 -3.65 4.76
N ARG A 536 -19.38 -4.81 5.16
CA ARG A 536 -19.47 -5.20 6.55
C ARG A 536 -18.75 -4.18 7.45
N PHE A 537 -17.55 -3.76 7.04
CA PHE A 537 -16.83 -2.64 7.65
C PHE A 537 -17.72 -1.41 7.92
N ARG A 538 -18.27 -0.82 6.86
CA ARG A 538 -19.14 0.35 6.99
C ARG A 538 -20.39 0.08 7.86
N TRP A 539 -21.00 -1.07 7.65
CA TRP A 539 -22.14 -1.49 8.46
C TRP A 539 -21.80 -1.58 9.94
N LEU A 540 -20.69 -2.23 10.28
CA LEU A 540 -20.34 -2.34 11.69
C LEU A 540 -20.02 -0.98 12.28
N ARG A 541 -19.33 -0.14 11.51
CA ARG A 541 -19.04 1.22 11.97
C ARG A 541 -20.32 1.99 12.32
N LEU A 542 -21.31 1.93 11.42
CA LEU A 542 -22.61 2.57 11.61
C LEU A 542 -23.34 2.04 12.88
N CYS A 543 -23.24 0.74 13.14
CA CYS A 543 -23.82 0.12 14.32
C CYS A 543 -23.20 0.56 15.65
N ILE A 544 -21.87 0.48 15.71
CA ILE A 544 -21.10 0.89 16.88
C ILE A 544 -21.29 2.40 17.13
N GLN A 545 -21.13 3.23 16.09
CA GLN A 545 -21.39 4.66 16.22
C GLN A 545 -22.85 5.02 16.59
N SER A 546 -23.82 4.24 16.14
CA SER A 546 -25.20 4.40 16.61
C SER A 546 -25.49 3.70 17.95
N LYS A 547 -24.45 3.23 18.64
CA LYS A 547 -24.55 2.68 20.01
C LYS A 547 -25.29 1.34 20.11
N TRP A 548 -25.21 0.50 19.10
CA TRP A 548 -25.87 -0.82 19.18
C TRP A 548 -24.94 -1.89 19.77
N GLU A 549 -25.24 -2.35 20.98
CA GLU A 549 -24.36 -3.24 21.74
C GLU A 549 -24.18 -4.61 21.12
N ASP A 550 -25.21 -5.08 20.44
CA ASP A 550 -25.16 -6.36 19.76
C ASP A 550 -24.03 -6.43 18.74
N ALA A 551 -23.70 -5.27 18.18
CA ALA A 551 -22.67 -5.18 17.16
C ALA A 551 -21.25 -5.18 17.73
N ILE A 552 -21.11 -5.00 19.05
CA ILE A 552 -19.78 -5.00 19.70
C ILE A 552 -18.97 -6.26 19.38
N PRO A 553 -19.49 -7.47 19.70
CA PRO A 553 -18.69 -8.67 19.40
C PRO A 553 -18.41 -8.83 17.89
N LEU A 554 -19.33 -8.35 17.06
CA LEU A 554 -19.11 -8.44 15.60
C LEU A 554 -17.98 -7.52 15.18
N ALA A 555 -17.96 -6.30 15.71
CA ALA A 555 -16.88 -5.36 15.44
C ALA A 555 -15.53 -5.84 15.99
N LEU A 556 -15.51 -6.39 17.22
CA LEU A 556 -14.25 -6.91 17.80
C LEU A 556 -13.68 -8.06 16.95
N LYS A 557 -14.58 -8.92 16.50
CA LYS A 557 -14.21 -10.05 15.68
C LYS A 557 -13.58 -9.57 14.34
N MET A 558 -14.24 -8.66 13.62
CA MET A 558 -13.67 -8.18 12.36
C MET A 558 -12.34 -7.49 12.60
N ALA A 559 -12.28 -6.70 13.68
CA ALA A 559 -11.09 -5.87 13.97
C ALA A 559 -9.85 -6.72 14.13
N THR A 560 -10.04 -7.92 14.69
CA THR A 560 -8.90 -8.78 15.08
C THR A 560 -8.67 -10.00 14.17
N GLU A 561 -9.72 -10.51 13.52
CA GLU A 561 -9.57 -11.67 12.65
C GLU A 561 -8.92 -11.34 11.31
N GLN A 562 -8.88 -10.06 10.98
CA GLN A 562 -8.10 -9.61 9.85
C GLN A 562 -7.43 -8.35 10.35
N GLY A 563 -6.42 -7.87 9.65
CA GLY A 563 -5.66 -6.73 10.16
C GLY A 563 -5.38 -5.64 9.15
N ARG A 564 -6.19 -5.58 8.09
CA ARG A 564 -6.08 -4.53 7.08
C ARG A 564 -6.34 -3.24 7.81
N MET A 565 -5.34 -2.38 7.83
CA MET A 565 -5.36 -1.18 8.65
C MET A 565 -6.55 -0.29 8.34
N LYS A 566 -6.91 -0.23 7.06
CA LYS A 566 -8.16 0.42 6.62
C LYS A 566 -9.41 -0.02 7.46
N PHE A 567 -9.46 -1.29 7.85
CA PHE A 567 -10.60 -1.82 8.60
C PHE A 567 -10.33 -1.88 10.12
N THR A 568 -9.20 -2.45 10.48
CA THR A 568 -8.79 -2.61 11.88
C THR A 568 -8.69 -1.29 12.68
N ARG A 569 -8.09 -0.25 12.11
CA ARG A 569 -7.92 0.97 12.88
C ARG A 569 -9.24 1.67 13.23
N PRO A 570 -10.12 1.88 12.23
CA PRO A 570 -11.34 2.59 12.59
C PRO A 570 -12.33 1.75 13.39
N LEU A 571 -12.32 0.43 13.23
CA LEU A 571 -13.13 -0.43 14.12
C LEU A 571 -12.68 -0.30 15.58
N PHE A 572 -11.38 -0.44 15.84
CA PHE A 572 -10.87 -0.19 17.19
C PHE A 572 -11.23 1.21 17.72
N LYS A 573 -11.01 2.27 16.93
CA LYS A 573 -11.34 3.65 17.36
C LYS A 573 -12.82 3.78 17.69
N ASP A 574 -13.68 3.22 16.85
CA ASP A 574 -15.11 3.27 17.07
C ASP A 574 -15.48 2.56 18.38
N LEU A 575 -14.93 1.37 18.57
CA LEU A 575 -15.12 0.57 19.78
C LEU A 575 -14.61 1.27 21.04
N ALA A 576 -13.49 1.98 20.90
CA ALA A 576 -12.89 2.73 21.99
C ALA A 576 -13.74 3.95 22.34
N ALA A 577 -14.36 4.57 21.35
CA ALA A 577 -15.18 5.76 21.61
C ALA A 577 -16.59 5.41 22.10
N PHE A 578 -17.01 4.16 21.93
CA PHE A 578 -18.29 3.69 22.49
C PHE A 578 -18.06 3.27 23.96
N ASP A 579 -18.67 4.01 24.88
CA ASP A 579 -18.41 3.77 26.31
C ASP A 579 -18.67 2.31 26.75
N LYS A 580 -19.70 1.69 26.21
CA LYS A 580 -19.99 0.26 26.46
C LYS A 580 -18.91 -0.71 25.97
N SER A 581 -18.19 -0.38 24.90
CA SER A 581 -17.17 -1.32 24.41
C SER A 581 -15.73 -0.85 24.71
N HIS A 582 -15.59 0.34 25.29
CA HIS A 582 -14.28 0.92 25.49
C HIS A 582 -13.27 -0.01 26.18
N ASP A 583 -13.62 -0.56 27.34
CA ASP A 583 -12.65 -1.36 28.08
C ASP A 583 -12.27 -2.65 27.35
N GLN A 584 -13.27 -3.29 26.76
CA GLN A 584 -13.02 -4.49 26.00
C GLN A 584 -12.12 -4.23 24.77
N ALA A 585 -12.29 -3.08 24.14
CA ALA A 585 -11.50 -2.71 22.96
C ALA A 585 -10.02 -2.60 23.33
N VAL A 586 -9.75 -1.92 24.45
CA VAL A 586 -8.39 -1.74 24.97
C VAL A 586 -7.82 -3.11 25.37
N ARG A 587 -8.58 -3.86 26.15
CA ARG A 587 -8.19 -5.22 26.55
C ARG A 587 -7.86 -6.10 25.34
N THR A 588 -8.70 -6.05 24.31
CA THR A 588 -8.53 -6.91 23.15
C THR A 588 -7.24 -6.55 22.43
N TYR A 589 -7.01 -5.25 22.25
CA TYR A 589 -5.76 -4.77 21.65
C TYR A 589 -4.53 -5.29 22.45
N GLN A 590 -4.54 -5.10 23.77
CA GLN A 590 -3.41 -5.53 24.63
C GLN A 590 -3.10 -7.01 24.50
N GLU A 591 -4.14 -7.83 24.35
CA GLU A 591 -3.96 -9.27 24.17
C GLU A 591 -3.42 -9.66 22.81
N HIS A 592 -3.80 -8.92 21.77
CA HIS A 592 -3.40 -9.29 20.41
C HIS A 592 -2.13 -8.62 19.95
N LYS A 593 -1.77 -7.56 20.68
CA LYS A 593 -0.68 -6.65 20.35
C LYS A 593 0.63 -7.33 19.93
N ALA A 594 1.09 -8.29 20.74
CA ALA A 594 2.35 -8.99 20.44
C ALA A 594 2.27 -9.85 19.18
N SER A 595 1.06 -10.25 18.79
CA SER A 595 0.89 -11.15 17.67
C SER A 595 0.37 -10.41 16.41
N MET A 596 0.37 -9.09 16.49
CA MET A 596 -0.08 -8.24 15.39
C MET A 596 1.11 -7.85 14.52
N HIS A 597 0.82 -7.30 13.33
CA HIS A 597 1.84 -6.67 12.50
C HIS A 597 2.42 -5.48 13.26
N PRO A 598 3.77 -5.33 13.27
CA PRO A 598 4.40 -4.27 14.09
C PRO A 598 3.98 -2.83 13.77
N VAL A 599 3.69 -2.55 12.51
CA VAL A 599 3.21 -1.23 12.11
C VAL A 599 1.75 -1.04 12.58
N THR A 600 0.88 -2.01 12.24
CA THR A 600 -0.50 -2.01 12.69
C THR A 600 -0.60 -1.89 14.22
N ALA A 601 0.17 -2.69 14.97
CA ALA A 601 0.20 -2.61 16.44
C ALA A 601 0.58 -1.23 16.93
N MET A 602 1.61 -0.63 16.33
CA MET A 602 2.09 0.70 16.74
C MET A 602 1.01 1.77 16.51
N LEU A 603 0.36 1.72 15.37
CA LEU A 603 -0.66 2.73 15.03
C LEU A 603 -1.97 2.58 15.80
N VAL A 604 -2.47 1.35 15.93
CA VAL A 604 -3.66 1.08 16.74
C VAL A 604 -3.39 1.52 18.17
N GLY A 605 -2.22 1.20 18.70
CA GLY A 605 -1.75 1.69 20.00
C GLY A 605 -1.84 3.19 20.13
N LYS A 606 -1.30 3.93 19.16
CA LYS A 606 -1.46 5.40 19.12
C LYS A 606 -2.93 5.81 19.08
N ASP A 607 -3.69 5.23 18.16
CA ASP A 607 -5.12 5.55 18.02
C ASP A 607 -5.87 5.43 19.35
N LEU A 608 -5.56 4.36 20.08
CA LEU A 608 -6.23 4.03 21.36
C LEU A 608 -5.62 4.77 22.56
N LYS A 609 -4.48 5.40 22.35
CA LYS A 609 -3.72 6.03 23.40
C LYS A 609 -3.39 5.03 24.52
N VAL A 610 -2.89 3.85 24.14
CA VAL A 610 -2.44 2.87 25.12
C VAL A 610 -0.92 2.61 25.04
#